data_8ET7
#
_entry.id   8ET7
#
_cell.length_a   1.00
_cell.length_b   1.00
_cell.length_c   1.00
_cell.angle_alpha   90.00
_cell.angle_beta   90.00
_cell.angle_gamma   90.00
#
_symmetry.space_group_name_H-M   'P 1'
#
loop_
_entity.id
_entity.type
_entity.pdbx_description
1 polymer OCT1
2 branched 2-acetamido-2-deoxy-beta-D-glucopyranose-(1-4)-2-acetamido-2-deoxy-beta-D-glucopyranose
3 non-polymer N-[2-(BENZHYDRYLOXY)ETHYL]-N,N-DIMETHYLAMINE
#
_entity_poly.entity_id   1
_entity_poly.type   'polypeptide(L)'
_entity_poly.pdbx_seq_one_letter_code
;MPTVDDVLEQVGEFGWFQKQAFLTLCLLSAAFAPIYVGIVFLGFTPDHRCRSPGVAELSQRCGWSLAEELNYTVPGLGAA
GEAFPRQCRRYEVDWNQSALSCVDPLASLAANRSHLPLGPCQHGWVYDTPGSSIVTEFNLVCADSWKVDLFQSCVNVGFF
LGSLGVGYIADRFGRKLCLLATTLISAVSGVLMAVAPDYTSMLLFRLLQGLVSKGSWMSGYTLITEFVGSGYRRTVAILY
QMAFTVGLVLLSGVAYAIPHWRWLQLAVSLPTFLFLLYYWCVPESPRWLLSQKRNTQAIKIMDHIAQKNGKLPPADLKML
SLKEDSTEKLSPSFADLFRTPQLRKHTFILMYLWFTSSVLYQGLIMHMGATGGNLYLDFFYSALVEFPAAFIILVTIDRV
GRIYPLAVSNLVAGAACLIMIFISQDLHWLNITVACVGRMGITIVFQMVCLVNAELYPTFIRNLGVMVCSSLCDLGGIIT
PFLVFRLMEVWQGLPLILFTVVGLVAGGMTLLLPETKGVALPETIEDAENLGRKAKPKENTIYLQVQTSELPGT
;
_entity_poly.pdbx_strand_id   A
#
loop_
_chem_comp.id
_chem_comp.type
_chem_comp.name
_chem_comp.formula
2PM non-polymer N-[2-(BENZHYDRYLOXY)ETHYL]-N,N-DIMETHYLAMINE 'C17 H21 N O'
NAG D-saccharide, beta linking 2-acetamido-2-deoxy-beta-D-glucopyranose 'C8 H15 N O6'
#
# COMPACT_ATOMS: atom_id res chain seq x y z
N PRO A 2 -31.60 3.69 -25.65
CA PRO A 2 -31.75 4.00 -24.22
C PRO A 2 -30.76 3.24 -23.34
N THR A 3 -29.52 3.13 -23.80
CA THR A 3 -28.50 2.46 -23.01
C THR A 3 -28.05 3.34 -21.85
N VAL A 4 -27.39 2.72 -20.89
CA VAL A 4 -27.01 3.44 -19.67
C VAL A 4 -26.09 4.59 -19.98
N ASP A 5 -25.14 4.38 -20.90
CA ASP A 5 -24.19 5.44 -21.22
C ASP A 5 -24.90 6.65 -21.83
N ASP A 6 -25.84 6.41 -22.74
CA ASP A 6 -26.51 7.52 -23.42
C ASP A 6 -27.27 8.39 -22.43
N VAL A 7 -28.11 7.77 -21.59
CA VAL A 7 -28.86 8.55 -20.60
C VAL A 7 -27.90 9.25 -19.65
N LEU A 8 -26.84 8.55 -19.24
CA LEU A 8 -25.83 9.17 -18.40
C LEU A 8 -25.25 10.40 -19.09
N GLU A 9 -25.02 10.31 -20.40
CA GLU A 9 -24.57 11.47 -21.15
C GLU A 9 -25.63 12.56 -21.17
N GLN A 10 -26.90 12.18 -21.31
CA GLN A 10 -27.96 13.17 -21.42
C GLN A 10 -28.08 14.00 -20.15
N VAL A 11 -28.03 13.35 -18.99
CA VAL A 11 -28.15 14.08 -17.73
C VAL A 11 -26.84 14.78 -17.39
N GLY A 12 -25.72 14.27 -17.87
CA GLY A 12 -24.43 14.86 -17.61
C GLY A 12 -23.40 13.84 -17.15
N GLU A 13 -22.29 13.74 -17.89
CA GLU A 13 -21.28 12.74 -17.57
C GLU A 13 -20.61 13.05 -16.24
N PHE A 14 -20.14 14.28 -16.07
CA PHE A 14 -19.42 14.72 -14.88
C PHE A 14 -20.05 16.02 -14.41
N GLY A 15 -21.12 15.90 -13.61
CA GLY A 15 -21.84 17.04 -13.11
C GLY A 15 -21.67 17.24 -11.63
N TRP A 16 -22.63 17.95 -11.03
CA TRP A 16 -22.55 18.22 -9.60
C TRP A 16 -22.59 16.93 -8.80
N PHE A 17 -23.45 15.99 -9.20
CA PHE A 17 -23.57 14.72 -8.48
C PHE A 17 -22.24 13.96 -8.50
N GLN A 18 -21.62 13.85 -9.69
CA GLN A 18 -20.39 13.09 -9.79
C GLN A 18 -19.30 13.71 -8.92
N LYS A 19 -19.18 15.04 -8.93
CA LYS A 19 -18.18 15.70 -8.10
C LYS A 19 -18.45 15.43 -6.62
N GLN A 20 -19.71 15.52 -6.21
CA GLN A 20 -20.04 15.28 -4.80
C GLN A 20 -19.64 13.88 -4.38
N ALA A 21 -20.00 12.89 -5.20
CA ALA A 21 -19.62 11.52 -4.87
C ALA A 21 -18.11 11.35 -4.85
N PHE A 22 -17.42 11.97 -5.81
CA PHE A 22 -15.98 11.83 -5.89
C PHE A 22 -15.29 12.39 -4.67
N LEU A 23 -15.82 13.48 -4.09
CA LEU A 23 -15.19 14.04 -2.90
C LEU A 23 -15.19 13.05 -1.75
N THR A 24 -16.34 12.40 -1.50
CA THR A 24 -16.42 11.45 -0.41
C THR A 24 -15.60 10.21 -0.71
N LEU A 25 -15.60 9.75 -1.98
CA LEU A 25 -14.77 8.61 -2.31
C LEU A 25 -13.29 8.93 -2.11
N CYS A 26 -12.90 10.16 -2.39
CA CYS A 26 -11.53 10.58 -2.11
C CYS A 26 -11.26 10.51 -0.61
N LEU A 27 -12.19 10.99 0.20
CA LEU A 27 -12.01 10.86 1.65
C LEU A 27 -11.78 9.40 2.03
N LEU A 28 -12.54 8.48 1.42
CA LEU A 28 -12.32 7.06 1.69
C LEU A 28 -10.91 6.65 1.27
N SER A 29 -10.45 7.13 0.11
CA SER A 29 -9.17 6.68 -0.41
C SER A 29 -8.04 6.99 0.58
N ALA A 30 -8.04 8.19 1.16
CA ALA A 30 -7.00 8.54 2.11
C ALA A 30 -6.99 7.60 3.31
N ALA A 31 -8.16 7.13 3.72
CA ALA A 31 -8.25 6.28 4.90
C ALA A 31 -7.64 4.90 4.69
N PHE A 32 -7.33 4.52 3.45
CA PHE A 32 -6.72 3.22 3.18
C PHE A 32 -5.20 3.25 3.24
N ALA A 33 -4.59 4.44 3.24
CA ALA A 33 -3.13 4.51 3.32
C ALA A 33 -2.57 3.90 4.59
N PRO A 34 -3.10 4.19 5.79
CA PRO A 34 -2.46 3.67 7.00
C PRO A 34 -2.36 2.16 7.02
N ILE A 35 -3.38 1.45 6.53
CA ILE A 35 -3.31 -0.01 6.55
C ILE A 35 -2.24 -0.52 5.60
N TYR A 36 -2.11 0.11 4.43
CA TYR A 36 -1.19 -0.37 3.42
C TYR A 36 0.21 0.20 3.55
N VAL A 37 0.39 1.27 4.34
CA VAL A 37 1.74 1.79 4.56
C VAL A 37 2.60 0.73 5.22
N GLY A 38 2.01 -0.06 6.11
CA GLY A 38 2.71 -1.15 6.77
C GLY A 38 3.02 -0.86 8.22
N ILE A 39 4.24 -1.18 8.63
CA ILE A 39 4.68 -1.03 10.01
C ILE A 39 5.72 0.07 10.13
N VAL A 40 5.87 0.90 9.09
CA VAL A 40 6.96 1.88 9.05
C VAL A 40 6.84 2.87 10.20
N PHE A 41 5.63 3.35 10.46
CA PHE A 41 5.40 4.32 11.51
C PHE A 41 4.87 3.71 12.80
N LEU A 42 4.64 2.39 12.82
CA LEU A 42 4.16 1.71 14.02
C LEU A 42 5.15 0.68 14.54
N GLY A 43 6.26 0.45 13.85
CA GLY A 43 7.23 -0.53 14.31
C GLY A 43 8.67 -0.10 14.10
N PHE A 44 8.93 1.20 14.06
CA PHE A 44 10.29 1.67 13.88
C PHE A 44 11.12 1.29 15.09
N THR A 45 12.32 0.76 14.84
CA THR A 45 13.17 0.25 15.91
C THR A 45 14.25 1.28 16.21
N PRO A 46 14.22 1.95 17.35
CA PRO A 46 15.26 2.94 17.68
C PRO A 46 16.48 2.25 18.27
N ASP A 47 17.48 3.06 18.62
CA ASP A 47 18.64 2.54 19.31
C ASP A 47 18.25 2.03 20.69
N HIS A 48 18.98 1.03 21.17
CA HIS A 48 18.61 0.37 22.41
C HIS A 48 19.84 -0.24 23.06
N ARG A 49 19.85 -0.25 24.40
CA ARG A 49 20.90 -0.88 25.17
C ARG A 49 20.28 -1.49 26.43
N CYS A 50 21.06 -2.35 27.08
CA CYS A 50 20.56 -3.06 28.25
C CYS A 50 20.50 -2.14 29.47
N ARG A 51 19.33 -2.06 30.09
CA ARG A 51 19.17 -1.28 31.30
C ARG A 51 20.07 -1.83 32.40
N SER A 52 20.59 -0.93 33.23
CA SER A 52 21.43 -1.33 34.36
C SER A 52 21.06 -0.53 35.59
N PRO A 53 20.65 -1.16 36.69
CA PRO A 53 20.27 -0.37 37.87
C PRO A 53 21.37 0.51 38.42
N GLY A 54 22.62 0.03 38.39
CA GLY A 54 23.70 0.78 39.00
C GLY A 54 24.05 2.05 38.25
N VAL A 55 23.78 2.09 36.94
CA VAL A 55 24.14 3.26 36.15
C VAL A 55 23.35 4.48 36.60
N ALA A 56 22.09 4.30 37.01
CA ALA A 56 21.26 5.44 37.37
C ALA A 56 21.89 6.24 38.51
N GLU A 57 22.38 5.55 39.54
CA GLU A 57 22.97 6.25 40.67
C GLU A 57 24.18 7.07 40.24
N LEU A 58 25.05 6.48 39.41
CA LEU A 58 26.24 7.19 38.96
C LEU A 58 25.91 8.30 37.98
N SER A 59 24.77 8.22 37.30
CA SER A 59 24.44 9.22 36.29
C SER A 59 24.32 10.62 36.90
N GLN A 60 23.96 10.72 38.17
CA GLN A 60 23.73 12.01 38.82
C GLN A 60 24.89 12.49 39.66
N ARG A 61 25.81 11.60 40.06
CA ARG A 61 26.88 12.00 40.96
C ARG A 61 27.80 13.03 40.31
N CYS A 62 28.11 12.84 39.03
CA CYS A 62 29.04 13.70 38.30
C CYS A 62 28.42 14.13 36.98
N GLY A 63 29.04 15.13 36.36
CA GLY A 63 28.60 15.59 35.06
C GLY A 63 28.57 14.48 34.04
N TRP A 64 27.49 14.38 33.28
CA TRP A 64 27.31 13.31 32.31
C TRP A 64 26.72 13.86 31.03
N SER A 65 26.97 13.13 29.95
CA SER A 65 26.40 13.44 28.65
C SER A 65 25.88 12.15 28.03
N LEU A 66 24.84 12.28 27.20
CA LEU A 66 24.25 11.09 26.58
C LEU A 66 25.28 10.36 25.72
N ALA A 67 26.05 11.10 24.93
CA ALA A 67 27.09 10.47 24.12
C ALA A 67 28.16 9.84 24.99
N GLU A 68 28.59 10.54 26.04
CA GLU A 68 29.63 10.00 26.91
C GLU A 68 29.17 8.72 27.59
N GLU A 69 27.93 8.69 28.08
CA GLU A 69 27.44 7.51 28.77
C GLU A 69 27.45 6.30 27.85
N LEU A 70 27.01 6.46 26.61
CA LEU A 70 26.96 5.33 25.68
C LEU A 70 28.33 4.74 25.46
N ASN A 71 29.38 5.57 25.46
CA ASN A 71 30.70 5.11 25.06
C ASN A 71 31.35 4.21 26.12
N TYR A 72 31.55 4.72 27.34
CA TYR A 72 32.31 3.97 28.35
C TYR A 72 31.43 3.43 29.47
N THR A 73 30.13 3.27 29.23
CA THR A 73 29.27 2.49 30.10
C THR A 73 28.69 1.26 29.41
N VAL A 74 28.73 1.21 28.08
CA VAL A 74 28.15 0.10 27.32
C VAL A 74 29.28 -0.67 26.67
N PRO A 75 29.14 -1.98 26.45
CA PRO A 75 30.19 -2.72 25.73
C PRO A 75 30.41 -2.14 24.35
N GLY A 76 31.68 -2.15 23.93
CA GLY A 76 32.02 -1.61 22.63
C GLY A 76 31.48 -2.49 21.51
N LEU A 77 31.26 -1.88 20.35
CA LEU A 77 30.71 -2.55 19.19
C LEU A 77 31.82 -2.97 18.24
N GLY A 78 31.44 -3.75 17.23
CA GLY A 78 32.37 -4.20 16.21
C GLY A 78 33.08 -5.50 16.52
N ALA A 79 32.82 -6.12 17.66
CA ALA A 79 33.44 -7.39 18.05
C ALA A 79 32.41 -8.51 17.92
N ALA A 80 32.80 -9.58 17.22
CA ALA A 80 31.91 -10.72 17.01
C ALA A 80 30.58 -10.27 16.42
N GLY A 81 30.66 -9.36 15.45
CA GLY A 81 29.47 -8.78 14.85
C GLY A 81 29.56 -7.27 14.79
N GLU A 82 28.77 -6.65 13.91
CA GLU A 82 28.85 -5.20 13.75
C GLU A 82 28.45 -4.48 15.03
N ALA A 83 27.28 -4.81 15.58
CA ALA A 83 26.82 -4.17 16.81
C ALA A 83 26.12 -5.14 17.75
N PHE A 84 26.21 -6.46 17.54
CA PHE A 84 25.50 -7.40 18.38
C PHE A 84 25.85 -7.24 19.86
N PRO A 85 27.11 -7.13 20.26
CA PRO A 85 27.40 -6.99 21.70
C PRO A 85 26.82 -5.71 22.29
N ARG A 86 27.08 -4.56 21.66
CA ARG A 86 26.63 -3.30 22.22
C ARG A 86 25.11 -3.23 22.31
N GLN A 87 24.41 -3.86 21.36
CA GLN A 87 22.96 -3.77 21.33
C GLN A 87 22.31 -4.36 22.58
N CYS A 88 22.49 -5.66 22.81
CA CYS A 88 21.76 -6.36 23.84
C CYS A 88 22.66 -7.27 24.68
N ARG A 89 23.83 -6.79 25.06
CA ARG A 89 24.68 -7.48 26.02
C ARG A 89 25.01 -6.53 27.17
N ARG A 90 25.06 -7.06 28.38
CA ARG A 90 25.34 -6.28 29.58
C ARG A 90 26.49 -6.90 30.34
N TYR A 91 27.47 -6.06 30.72
CA TYR A 91 28.63 -6.57 31.44
C TYR A 91 28.23 -7.13 32.80
N GLU A 92 27.32 -6.46 33.50
CA GLU A 92 26.83 -6.86 34.82
C GLU A 92 27.84 -6.58 35.93
N VAL A 93 28.84 -5.74 35.67
CA VAL A 93 29.76 -5.32 36.72
C VAL A 93 29.04 -4.35 37.65
N ASP A 94 29.09 -4.62 38.95
CA ASP A 94 28.35 -3.83 39.92
C ASP A 94 28.77 -2.36 39.84
N TRP A 95 27.86 -1.50 39.38
CA TRP A 95 28.12 -0.07 39.33
C TRP A 95 27.68 0.66 40.59
N ASN A 96 26.95 -0.01 41.48
CA ASN A 96 26.48 0.60 42.72
C ASN A 96 27.39 0.19 43.87
N GLN A 97 27.50 1.07 44.87
CA GLN A 97 28.39 0.85 46.00
C GLN A 97 29.83 0.69 45.56
N SER A 98 30.19 1.36 44.46
CA SER A 98 31.55 1.30 43.91
C SER A 98 31.91 2.71 43.42
N ALA A 99 32.54 3.48 44.30
CA ALA A 99 32.95 4.86 43.99
C ALA A 99 34.36 4.81 43.38
N LEU A 100 34.39 4.55 42.08
CA LEU A 100 35.63 4.44 41.33
C LEU A 100 35.95 5.70 40.54
N SER A 101 35.26 6.81 40.83
CA SER A 101 35.49 8.07 40.12
C SER A 101 34.95 7.98 38.70
N CYS A 102 34.41 9.07 38.18
CA CYS A 102 33.85 9.06 36.83
C CYS A 102 34.94 9.08 35.77
N VAL A 103 36.16 9.45 36.12
CA VAL A 103 37.27 9.33 35.17
C VAL A 103 37.55 7.86 34.85
N ASP A 104 37.53 7.01 35.88
CA ASP A 104 37.87 5.59 35.74
C ASP A 104 36.76 4.76 36.38
N PRO A 105 35.59 4.73 35.77
CA PRO A 105 34.48 3.95 36.34
C PRO A 105 34.73 2.45 36.30
N LEU A 106 35.15 1.93 35.15
CA LEU A 106 35.32 0.49 34.97
C LEU A 106 36.68 0.11 34.39
N ALA A 107 37.52 1.07 34.03
CA ALA A 107 38.79 0.74 33.40
C ALA A 107 39.69 -0.05 34.34
N SER A 108 39.70 0.32 35.63
CA SER A 108 40.67 -0.27 36.56
C SER A 108 40.44 -1.76 36.76
N LEU A 109 39.19 -2.20 36.82
CA LEU A 109 38.89 -3.57 37.24
C LEU A 109 39.55 -4.58 36.32
N ALA A 110 39.32 -4.46 35.01
CA ALA A 110 39.71 -5.50 34.07
C ALA A 110 40.93 -5.15 33.22
N ALA A 111 41.25 -3.88 33.07
CA ALA A 111 42.33 -3.43 32.17
C ALA A 111 42.08 -3.85 30.73
N ASN A 112 40.85 -4.20 30.40
CA ASN A 112 40.47 -4.60 29.05
C ASN A 112 38.95 -4.70 29.00
N ARG A 113 38.40 -4.42 27.82
CA ARG A 113 36.96 -4.34 27.66
C ARG A 113 36.35 -5.67 27.24
N SER A 114 36.89 -6.29 26.19
CA SER A 114 36.32 -7.54 25.70
C SER A 114 36.41 -8.64 26.74
N HIS A 115 37.53 -8.73 27.45
CA HIS A 115 37.73 -9.79 28.43
C HIS A 115 36.82 -9.67 29.64
N LEU A 116 36.12 -8.56 29.81
CA LEU A 116 35.23 -8.40 30.94
C LEU A 116 34.04 -9.35 30.81
N PRO A 117 33.40 -9.70 31.92
CA PRO A 117 32.29 -10.66 31.87
C PRO A 117 31.04 -10.05 31.24
N LEU A 118 30.35 -10.85 30.45
CA LEU A 118 29.09 -10.47 29.83
C LEU A 118 27.96 -11.32 30.42
N GLY A 119 26.93 -10.65 30.94
CA GLY A 119 25.80 -11.34 31.52
C GLY A 119 24.55 -11.23 30.66
N PRO A 120 23.44 -11.75 31.17
CA PRO A 120 22.17 -11.62 30.44
C PRO A 120 21.68 -10.19 30.39
N CYS A 121 20.92 -9.87 29.34
CA CYS A 121 20.39 -8.52 29.15
C CYS A 121 19.01 -8.40 29.79
N GLN A 122 19.00 -8.58 31.12
CA GLN A 122 17.77 -8.52 31.89
C GLN A 122 17.37 -7.06 32.11
N HIS A 123 16.40 -6.84 33.01
CA HIS A 123 15.91 -5.50 33.30
C HIS A 123 15.37 -4.79 32.05
N GLY A 124 14.78 -5.57 31.14
CA GLY A 124 14.20 -4.98 29.96
C GLY A 124 15.25 -4.24 29.13
N TRP A 125 14.92 -3.03 28.72
CA TRP A 125 15.78 -2.25 27.84
C TRP A 125 15.49 -0.77 28.05
N VAL A 126 16.40 0.06 27.54
CA VAL A 126 16.23 1.51 27.50
C VAL A 126 16.37 1.93 26.06
N TYR A 127 15.39 2.70 25.57
CA TYR A 127 15.35 3.11 24.17
C TYR A 127 15.65 4.60 24.06
N ASP A 128 15.98 5.03 22.85
CA ASP A 128 16.43 6.39 22.60
C ASP A 128 15.27 7.35 22.35
N THR A 129 14.41 7.02 21.39
CA THR A 129 13.35 7.94 21.01
C THR A 129 12.41 8.21 22.18
N PRO A 130 11.99 9.46 22.39
CA PRO A 130 11.02 9.72 23.46
C PRO A 130 9.69 9.03 23.25
N GLY A 131 9.30 8.79 22.01
CA GLY A 131 8.06 8.13 21.73
C GLY A 131 8.14 6.63 21.95
N SER A 132 6.98 5.98 21.82
CA SER A 132 6.87 4.54 22.03
C SER A 132 6.32 3.89 20.77
N SER A 133 7.01 2.84 20.32
CA SER A 133 6.57 2.03 19.19
C SER A 133 6.23 0.63 19.67
N ILE A 134 5.67 -0.17 18.75
CA ILE A 134 5.28 -1.53 19.12
C ILE A 134 6.50 -2.30 19.60
N VAL A 135 7.65 -2.09 18.97
CA VAL A 135 8.86 -2.77 19.40
C VAL A 135 9.18 -2.41 20.85
N THR A 136 9.06 -1.14 21.20
CA THR A 136 9.33 -0.73 22.58
C THR A 136 8.29 -1.27 23.54
N GLU A 137 7.05 -1.49 23.07
CA GLU A 137 6.00 -1.94 23.96
C GLU A 137 6.29 -3.32 24.52
N PHE A 138 6.71 -4.25 23.66
CA PHE A 138 6.84 -5.65 24.04
C PHE A 138 8.30 -6.13 24.04
N ASN A 139 9.27 -5.23 23.96
CA ASN A 139 10.67 -5.60 24.02
C ASN A 139 11.03 -6.59 22.93
N LEU A 140 10.51 -6.37 21.72
CA LEU A 140 10.83 -7.21 20.57
C LEU A 140 12.12 -6.71 19.91
N VAL A 141 13.20 -6.77 20.67
CA VAL A 141 14.48 -6.16 20.29
C VAL A 141 15.50 -7.22 19.87
N CYS A 142 15.91 -8.09 20.80
CA CYS A 142 17.08 -8.93 20.61
C CYS A 142 16.73 -10.41 20.51
N ALA A 143 16.11 -10.99 21.53
CA ALA A 143 15.80 -12.41 21.47
C ALA A 143 14.61 -12.67 20.56
N ASP A 144 13.59 -11.81 20.62
CA ASP A 144 12.40 -11.93 19.80
C ASP A 144 12.46 -11.00 18.59
N SER A 145 13.65 -10.62 18.15
CA SER A 145 13.79 -9.72 17.02
C SER A 145 13.02 -10.23 15.80
N TRP A 146 13.00 -11.55 15.62
CA TRP A 146 12.33 -12.12 14.46
C TRP A 146 10.82 -11.89 14.49
N LYS A 147 10.26 -11.57 15.65
CA LYS A 147 8.81 -11.43 15.73
C LYS A 147 8.29 -10.28 14.87
N VAL A 148 9.12 -9.25 14.64
CA VAL A 148 8.70 -8.17 13.76
C VAL A 148 8.51 -8.69 12.34
N ASP A 149 9.45 -9.50 11.86
CA ASP A 149 9.29 -10.13 10.56
C ASP A 149 8.03 -10.98 10.53
N LEU A 150 7.79 -11.73 11.60
CA LEU A 150 6.58 -12.55 11.67
C LEU A 150 5.33 -11.69 11.50
N PHE A 151 5.28 -10.57 12.24
CA PHE A 151 4.11 -9.70 12.19
C PHE A 151 3.90 -9.15 10.78
N GLN A 152 4.95 -8.60 10.19
CA GLN A 152 4.79 -7.99 8.87
C GLN A 152 4.43 -9.03 7.82
N SER A 153 5.06 -10.20 7.87
CA SER A 153 4.75 -11.25 6.90
C SER A 153 3.33 -11.75 7.07
N CYS A 154 2.86 -11.88 8.31
CA CYS A 154 1.48 -12.28 8.54
C CYS A 154 0.52 -11.25 7.98
N VAL A 155 0.82 -9.97 8.16
CA VAL A 155 -0.05 -8.93 7.59
C VAL A 155 -0.07 -9.05 6.07
N ASN A 156 1.10 -9.26 5.45
CA ASN A 156 1.14 -9.38 4.00
C ASN A 156 0.35 -10.60 3.52
N VAL A 157 0.46 -11.72 4.24
CA VAL A 157 -0.28 -12.92 3.86
C VAL A 157 -1.78 -12.67 3.99
N GLY A 158 -2.19 -11.99 5.06
CA GLY A 158 -3.59 -11.62 5.19
C GLY A 158 -4.05 -10.74 4.04
N PHE A 159 -3.20 -9.81 3.61
CA PHE A 159 -3.55 -8.97 2.47
C PHE A 159 -3.74 -9.79 1.21
N PHE A 160 -2.83 -10.74 0.97
CA PHE A 160 -2.96 -11.59 -0.21
C PHE A 160 -4.25 -12.40 -0.16
N LEU A 161 -4.55 -13.01 0.99
CA LEU A 161 -5.76 -13.80 1.09
C LEU A 161 -7.00 -12.93 0.91
N GLY A 162 -7.01 -11.74 1.50
CA GLY A 162 -8.14 -10.85 1.32
C GLY A 162 -8.33 -10.44 -0.13
N SER A 163 -7.23 -10.15 -0.82
CA SER A 163 -7.33 -9.86 -2.25
C SER A 163 -7.94 -11.04 -2.99
N LEU A 164 -7.51 -12.26 -2.64
CA LEU A 164 -8.05 -13.44 -3.33
C LEU A 164 -9.53 -13.62 -3.06
N GLY A 165 -10.00 -13.28 -1.86
CA GLY A 165 -11.34 -13.66 -1.45
C GLY A 165 -12.37 -12.54 -1.39
N VAL A 166 -11.95 -11.34 -1.01
CA VAL A 166 -12.91 -10.28 -0.71
C VAL A 166 -13.66 -9.81 -1.95
N GLY A 167 -13.17 -10.13 -3.14
CA GLY A 167 -13.83 -9.63 -4.34
C GLY A 167 -15.23 -10.19 -4.53
N TYR A 168 -15.40 -11.48 -4.27
CA TYR A 168 -16.65 -12.14 -4.62
C TYR A 168 -17.84 -11.55 -3.86
N ILE A 169 -17.68 -11.30 -2.56
CA ILE A 169 -18.79 -10.74 -1.79
C ILE A 169 -19.17 -9.36 -2.33
N ALA A 170 -18.16 -8.56 -2.68
CA ALA A 170 -18.44 -7.24 -3.24
C ALA A 170 -19.19 -7.35 -4.55
N ASP A 171 -18.77 -8.26 -5.41
CA ASP A 171 -19.37 -8.37 -6.74
C ASP A 171 -20.80 -8.91 -6.67
N ARG A 172 -21.02 -9.95 -5.87
CA ARG A 172 -22.30 -10.63 -5.88
C ARG A 172 -23.39 -9.82 -5.19
N PHE A 173 -23.06 -9.18 -4.07
CA PHE A 173 -24.04 -8.50 -3.24
C PHE A 173 -24.07 -7.00 -3.47
N GLY A 174 -23.42 -6.50 -4.51
CA GLY A 174 -23.40 -5.08 -4.80
C GLY A 174 -22.17 -4.40 -4.22
N ARG A 175 -21.89 -3.21 -4.75
CA ARG A 175 -20.69 -2.49 -4.36
C ARG A 175 -20.90 -1.63 -3.12
N LYS A 176 -22.07 -1.01 -2.98
CA LYS A 176 -22.30 -0.19 -1.79
C LYS A 176 -22.28 -1.05 -0.53
N LEU A 177 -22.89 -2.24 -0.58
CA LEU A 177 -22.94 -3.08 0.60
C LEU A 177 -21.55 -3.46 1.07
N CYS A 178 -20.66 -3.85 0.14
CA CYS A 178 -19.30 -4.18 0.53
C CYS A 178 -18.58 -2.96 1.09
N LEU A 179 -18.67 -1.83 0.40
CA LEU A 179 -17.97 -0.64 0.86
C LEU A 179 -18.41 -0.23 2.25
N LEU A 180 -19.61 -0.63 2.67
CA LEU A 180 -20.11 -0.32 4.00
C LEU A 180 -19.63 -1.34 5.03
N ALA A 181 -19.87 -2.63 4.78
CA ALA A 181 -19.46 -3.66 5.73
C ALA A 181 -17.94 -3.68 5.88
N THR A 182 -17.21 -3.59 4.76
CA THR A 182 -15.76 -3.69 4.84
C THR A 182 -15.17 -2.53 5.61
N THR A 183 -15.59 -1.29 5.31
CA THR A 183 -15.06 -0.16 6.02
C THR A 183 -15.49 -0.18 7.48
N LEU A 184 -16.70 -0.66 7.77
CA LEU A 184 -17.14 -0.77 9.16
C LEU A 184 -16.25 -1.74 9.93
N ILE A 185 -15.95 -2.90 9.34
CA ILE A 185 -15.08 -3.86 10.01
C ILE A 185 -13.70 -3.28 10.20
N SER A 186 -13.16 -2.61 9.17
CA SER A 186 -11.85 -2.01 9.31
C SER A 186 -11.83 -0.99 10.44
N ALA A 187 -12.86 -0.14 10.51
CA ALA A 187 -12.90 0.87 11.56
C ALA A 187 -13.01 0.25 12.94
N VAL A 188 -13.89 -0.74 13.11
CA VAL A 188 -14.07 -1.31 14.43
C VAL A 188 -12.83 -2.08 14.86
N SER A 189 -12.10 -2.67 13.91
CA SER A 189 -10.88 -3.39 14.26
C SER A 189 -9.75 -2.41 14.60
N GLY A 190 -9.62 -1.33 13.84
CA GLY A 190 -8.53 -0.41 14.07
C GLY A 190 -8.56 0.19 15.47
N VAL A 191 -9.73 0.70 15.87
CA VAL A 191 -9.87 1.24 17.21
C VAL A 191 -9.69 0.15 18.26
N LEU A 192 -9.98 -1.10 17.90
CA LEU A 192 -9.81 -2.20 18.84
C LEU A 192 -8.35 -2.57 19.04
N MET A 193 -7.52 -2.41 18.01
CA MET A 193 -6.12 -2.81 18.13
C MET A 193 -5.41 -1.99 19.20
N ALA A 194 -5.70 -0.69 19.27
CA ALA A 194 -5.04 0.16 20.25
C ALA A 194 -5.27 -0.31 21.67
N VAL A 195 -6.34 -1.07 21.92
CA VAL A 195 -6.62 -1.61 23.25
C VAL A 195 -6.19 -3.07 23.35
N ALA A 196 -5.41 -3.56 22.39
CA ALA A 196 -4.96 -4.95 22.44
C ALA A 196 -3.99 -5.13 23.60
N PRO A 197 -4.26 -6.03 24.54
CA PRO A 197 -3.35 -6.14 25.69
C PRO A 197 -2.04 -6.83 25.36
N ASP A 198 -2.07 -7.90 24.57
CA ASP A 198 -0.91 -8.74 24.34
C ASP A 198 -0.51 -8.72 22.87
N TYR A 199 0.62 -9.36 22.58
CA TYR A 199 1.13 -9.41 21.21
C TYR A 199 0.16 -10.13 20.29
N THR A 200 -0.39 -11.26 20.73
CA THR A 200 -1.24 -12.07 19.86
C THR A 200 -2.47 -11.28 19.42
N SER A 201 -3.15 -10.63 20.36
CA SER A 201 -4.40 -9.94 20.03
C SER A 201 -4.16 -8.83 19.01
N MET A 202 -3.09 -8.06 19.19
CA MET A 202 -2.79 -7.00 18.24
C MET A 202 -2.56 -7.57 16.85
N LEU A 203 -1.80 -8.66 16.76
CA LEU A 203 -1.56 -9.28 15.47
C LEU A 203 -2.86 -9.74 14.84
N LEU A 204 -3.75 -10.32 15.63
CA LEU A 204 -5.03 -10.79 15.09
C LEU A 204 -5.84 -9.64 14.54
N PHE A 205 -5.96 -8.56 15.31
CA PHE A 205 -6.73 -7.42 14.84
C PHE A 205 -6.13 -6.82 13.57
N ARG A 206 -4.80 -6.71 13.52
CA ARG A 206 -4.16 -6.18 12.32
C ARG A 206 -4.42 -7.09 11.13
N LEU A 207 -4.39 -8.41 11.34
CA LEU A 207 -4.66 -9.33 10.25
C LEU A 207 -6.07 -9.13 9.71
N LEU A 208 -7.05 -8.96 10.60
CA LEU A 208 -8.42 -8.70 10.17
C LEU A 208 -8.50 -7.41 9.35
N GLN A 209 -7.89 -6.35 9.87
CA GLN A 209 -7.93 -5.07 9.18
C GLN A 209 -7.33 -5.17 7.80
N GLY A 210 -6.19 -5.86 7.68
CA GLY A 210 -5.58 -6.05 6.38
C GLY A 210 -6.44 -6.88 5.45
N LEU A 211 -7.12 -7.88 6.00
CA LEU A 211 -7.99 -8.72 5.17
C LEU A 211 -9.15 -7.93 4.59
N VAL A 212 -9.60 -6.86 5.26
CA VAL A 212 -10.81 -6.17 4.79
C VAL A 212 -10.53 -4.87 4.04
N SER A 213 -9.40 -4.22 4.34
CA SER A 213 -9.17 -2.88 3.80
C SER A 213 -9.05 -2.90 2.27
N LYS A 214 -8.39 -3.92 1.71
CA LYS A 214 -8.24 -4.00 0.26
C LYS A 214 -9.59 -4.01 -0.42
N GLY A 215 -10.49 -4.86 0.06
CA GLY A 215 -11.82 -4.89 -0.49
C GLY A 215 -12.50 -3.54 -0.40
N SER A 216 -12.40 -2.89 0.75
CA SER A 216 -13.02 -1.57 0.90
C SER A 216 -12.53 -0.62 -0.19
N TRP A 217 -11.21 -0.49 -0.32
CA TRP A 217 -10.65 0.50 -1.23
C TRP A 217 -11.03 0.20 -2.68
N MET A 218 -10.91 -1.07 -3.10
CA MET A 218 -11.19 -1.37 -4.49
C MET A 218 -12.68 -1.24 -4.79
N SER A 219 -13.55 -1.55 -3.83
CA SER A 219 -14.98 -1.32 -4.04
C SER A 219 -15.25 0.16 -4.27
N GLY A 220 -14.65 1.03 -3.47
CA GLY A 220 -14.82 2.45 -3.69
C GLY A 220 -14.34 2.87 -5.08
N TYR A 221 -13.16 2.38 -5.46
CA TYR A 221 -12.59 2.72 -6.76
C TYR A 221 -13.53 2.34 -7.89
N THR A 222 -13.98 1.08 -7.90
CA THR A 222 -14.84 0.63 -8.99
C THR A 222 -16.17 1.37 -8.98
N LEU A 223 -16.69 1.68 -7.79
CA LEU A 223 -17.95 2.42 -7.72
C LEU A 223 -17.82 3.77 -8.40
N ILE A 224 -16.79 4.54 -8.06
CA ILE A 224 -16.66 5.86 -8.65
C ILE A 224 -16.40 5.75 -10.14
N THR A 225 -15.59 4.78 -10.56
CA THR A 225 -15.32 4.62 -11.98
C THR A 225 -16.59 4.31 -12.75
N GLU A 226 -17.45 3.46 -12.20
CA GLU A 226 -18.72 3.18 -12.86
C GLU A 226 -19.59 4.42 -12.92
N PHE A 227 -19.59 5.22 -11.84
CA PHE A 227 -20.46 6.39 -11.81
C PHE A 227 -20.06 7.41 -12.87
N VAL A 228 -18.76 7.69 -13.00
CA VAL A 228 -18.34 8.71 -13.94
C VAL A 228 -18.60 8.24 -15.37
N GLY A 229 -18.82 9.19 -16.27
CA GLY A 229 -19.03 8.88 -17.66
C GLY A 229 -17.79 8.31 -18.32
N SER A 230 -17.96 7.86 -19.57
CA SER A 230 -16.88 7.21 -20.28
C SER A 230 -15.69 8.14 -20.50
N GLY A 231 -15.98 9.37 -20.92
CA GLY A 231 -14.90 10.28 -21.29
C GLY A 231 -13.99 10.62 -20.12
N TYR A 232 -14.57 10.75 -18.93
CA TYR A 232 -13.85 11.28 -17.77
C TYR A 232 -13.30 10.19 -16.85
N ARG A 233 -13.33 8.93 -17.27
CA ARG A 233 -12.76 7.86 -16.44
C ARG A 233 -11.35 8.20 -16.02
N ARG A 234 -10.53 8.64 -16.97
CA ARG A 234 -9.14 8.98 -16.69
C ARG A 234 -9.04 9.93 -15.50
N THR A 235 -9.74 11.05 -15.58
CA THR A 235 -9.62 12.07 -14.53
C THR A 235 -10.01 11.50 -13.18
N VAL A 236 -11.16 10.85 -13.11
CA VAL A 236 -11.67 10.38 -11.82
C VAL A 236 -10.71 9.37 -11.20
N ALA A 237 -10.27 8.39 -12.00
CA ALA A 237 -9.41 7.34 -11.45
C ALA A 237 -8.07 7.92 -11.00
N ILE A 238 -7.44 8.73 -11.85
CA ILE A 238 -6.13 9.25 -11.51
C ILE A 238 -6.21 10.15 -10.29
N LEU A 239 -7.24 11.00 -10.23
CA LEU A 239 -7.36 11.88 -9.07
C LEU A 239 -7.73 11.12 -7.81
N TYR A 240 -8.41 9.98 -7.94
CA TYR A 240 -8.65 9.12 -6.78
C TYR A 240 -7.34 8.58 -6.22
N GLN A 241 -6.48 8.06 -7.09
CA GLN A 241 -5.17 7.60 -6.63
C GLN A 241 -4.38 8.76 -6.02
N MET A 242 -4.49 9.94 -6.63
CA MET A 242 -3.79 11.11 -6.11
C MET A 242 -4.28 11.47 -4.72
N ALA A 243 -5.59 11.37 -4.48
CA ALA A 243 -6.13 11.60 -3.14
C ALA A 243 -5.58 10.58 -2.17
N PHE A 244 -5.39 9.34 -2.62
CA PHE A 244 -4.74 8.35 -1.75
C PHE A 244 -3.33 8.81 -1.36
N THR A 245 -2.58 9.37 -2.32
CA THR A 245 -1.23 9.82 -2.00
C THR A 245 -1.25 11.01 -1.03
N VAL A 246 -2.20 11.91 -1.24
CA VAL A 246 -2.33 13.05 -0.33
C VAL A 246 -2.62 12.56 1.08
N GLY A 247 -3.49 11.55 1.20
CA GLY A 247 -3.72 10.94 2.49
C GLY A 247 -2.45 10.35 3.08
N LEU A 248 -1.61 9.76 2.24
CA LEU A 248 -0.33 9.24 2.72
C LEU A 248 0.52 10.35 3.31
N VAL A 249 0.59 11.49 2.62
CA VAL A 249 1.39 12.62 3.11
C VAL A 249 0.84 13.10 4.45
N LEU A 250 -0.48 13.26 4.54
CA LEU A 250 -1.09 13.66 5.79
C LEU A 250 -0.78 12.66 6.90
N LEU A 251 -0.74 11.37 6.55
CA LEU A 251 -0.38 10.35 7.53
C LEU A 251 1.03 10.57 8.04
N SER A 252 1.97 10.87 7.15
CA SER A 252 3.33 11.11 7.60
C SER A 252 3.36 12.28 8.57
N GLY A 253 2.66 13.37 8.23
CA GLY A 253 2.65 14.53 9.11
C GLY A 253 2.09 14.21 10.48
N VAL A 254 0.93 13.56 10.52
CA VAL A 254 0.30 13.26 11.79
C VAL A 254 1.16 12.28 12.59
N ALA A 255 1.80 11.33 11.90
CA ALA A 255 2.67 10.40 12.59
C ALA A 255 3.81 11.14 13.29
N TYR A 256 4.41 12.12 12.61
CA TYR A 256 5.40 12.94 13.29
C TYR A 256 4.78 13.70 14.45
N ALA A 257 3.50 14.07 14.33
CA ALA A 257 2.85 14.84 15.39
C ALA A 257 2.83 14.06 16.70
N ILE A 258 2.33 12.83 16.66
CA ILE A 258 2.19 12.01 17.86
C ILE A 258 2.94 10.70 17.66
N PRO A 259 4.02 10.43 18.42
CA PRO A 259 4.80 9.22 18.17
C PRO A 259 4.19 7.96 18.76
N HIS A 260 3.52 8.09 19.91
CA HIS A 260 2.96 6.93 20.58
C HIS A 260 2.08 6.13 19.62
N TRP A 261 2.36 4.83 19.52
CA TRP A 261 1.70 4.03 18.49
C TRP A 261 0.22 3.82 18.81
N ARG A 262 -0.12 3.63 20.08
CA ARG A 262 -1.51 3.40 20.44
C ARG A 262 -2.37 4.62 20.09
N TRP A 263 -1.93 5.81 20.51
CA TRP A 263 -2.67 7.02 20.18
C TRP A 263 -2.75 7.23 18.68
N LEU A 264 -1.65 6.96 17.97
CA LEU A 264 -1.66 7.12 16.51
C LEU A 264 -2.70 6.21 15.88
N GLN A 265 -2.74 4.95 16.30
CA GLN A 265 -3.71 4.02 15.74
C GLN A 265 -5.12 4.46 16.03
N LEU A 266 -5.39 4.89 17.27
CA LEU A 266 -6.75 5.31 17.61
C LEU A 266 -7.18 6.52 16.80
N ALA A 267 -6.28 7.51 16.67
CA ALA A 267 -6.62 8.72 15.94
C ALA A 267 -6.84 8.42 14.46
N VAL A 268 -6.03 7.54 13.88
CA VAL A 268 -6.21 7.19 12.48
C VAL A 268 -7.51 6.42 12.28
N SER A 269 -7.85 5.54 13.22
CA SER A 269 -9.00 4.66 13.02
C SER A 269 -10.31 5.41 13.19
N LEU A 270 -10.42 6.27 14.21
CA LEU A 270 -11.73 6.82 14.54
C LEU A 270 -12.41 7.54 13.38
N PRO A 271 -11.72 8.35 12.57
CA PRO A 271 -12.43 9.05 11.47
C PRO A 271 -13.07 8.12 10.45
N THR A 272 -12.67 6.85 10.42
CA THR A 272 -13.35 5.92 9.53
C THR A 272 -14.82 5.77 9.92
N PHE A 273 -15.13 5.91 11.21
CA PHE A 273 -16.53 5.92 11.61
C PHE A 273 -17.26 7.14 11.06
N LEU A 274 -16.59 8.29 11.03
CA LEU A 274 -17.17 9.46 10.41
C LEU A 274 -17.47 9.19 8.94
N PHE A 275 -16.52 8.58 8.23
CA PHE A 275 -16.80 8.23 6.84
C PHE A 275 -18.00 7.31 6.74
N LEU A 276 -18.08 6.30 7.62
CA LEU A 276 -19.23 5.42 7.64
C LEU A 276 -20.51 6.23 7.79
N LEU A 277 -20.47 7.27 8.62
CA LEU A 277 -21.60 8.18 8.73
C LEU A 277 -21.91 8.83 7.39
N TYR A 278 -20.86 9.11 6.61
CA TYR A 278 -21.04 9.74 5.30
C TYR A 278 -21.46 8.76 4.21
N TYR A 279 -21.87 7.54 4.55
CA TYR A 279 -22.31 6.59 3.53
C TYR A 279 -23.62 7.02 2.87
N TRP A 280 -24.41 7.86 3.54
CA TRP A 280 -25.76 8.15 3.06
C TRP A 280 -25.76 8.73 1.66
N CYS A 281 -24.69 9.43 1.28
CA CYS A 281 -24.65 10.12 0.00
C CYS A 281 -24.69 9.16 -1.19
N VAL A 282 -23.67 8.32 -1.33
CA VAL A 282 -23.46 7.56 -2.56
C VAL A 282 -24.45 6.39 -2.65
N PRO A 283 -25.26 6.32 -3.71
CA PRO A 283 -26.09 5.13 -3.91
C PRO A 283 -25.38 4.05 -4.71
N GLU A 284 -26.08 2.95 -4.99
CA GLU A 284 -25.50 1.86 -5.75
C GLU A 284 -25.21 2.28 -7.19
N SER A 285 -24.20 1.67 -7.78
CA SER A 285 -23.82 1.99 -9.16
C SER A 285 -24.94 1.58 -10.11
N PRO A 286 -25.40 2.47 -10.99
CA PRO A 286 -26.49 2.07 -11.90
C PRO A 286 -26.17 0.85 -12.75
N ARG A 287 -24.92 0.72 -13.20
CA ARG A 287 -24.59 -0.38 -14.11
C ARG A 287 -24.77 -1.73 -13.43
N TRP A 288 -24.32 -1.86 -12.18
CA TRP A 288 -24.47 -3.12 -11.48
C TRP A 288 -25.93 -3.48 -11.31
N LEU A 289 -26.76 -2.52 -10.88
CA LEU A 289 -28.17 -2.80 -10.71
C LEU A 289 -28.82 -3.19 -12.02
N LEU A 290 -28.47 -2.50 -13.11
CA LEU A 290 -29.04 -2.84 -14.41
C LEU A 290 -28.64 -4.24 -14.84
N SER A 291 -27.39 -4.62 -14.60
CA SER A 291 -26.94 -5.96 -14.95
C SER A 291 -27.63 -7.02 -14.10
N GLN A 292 -27.94 -6.69 -12.84
CA GLN A 292 -28.62 -7.62 -11.95
C GLN A 292 -30.12 -7.70 -12.22
N LYS A 293 -30.63 -6.92 -13.16
CA LYS A 293 -32.06 -6.90 -13.47
C LYS A 293 -32.86 -6.39 -12.27
N ARG A 294 -32.54 -5.19 -11.80
CA ARG A 294 -33.32 -4.46 -10.81
C ARG A 294 -33.65 -3.08 -11.36
N ASN A 295 -34.18 -3.06 -12.59
CA ASN A 295 -34.28 -1.82 -13.36
C ASN A 295 -35.03 -0.73 -12.62
N THR A 296 -35.99 -1.09 -11.77
CA THR A 296 -36.77 -0.06 -11.08
C THR A 296 -35.87 0.82 -10.21
N GLN A 297 -34.99 0.21 -9.43
CA GLN A 297 -34.07 1.00 -8.62
C GLN A 297 -33.08 1.76 -9.50
N ALA A 298 -32.67 1.16 -10.61
CA ALA A 298 -31.77 1.87 -11.52
C ALA A 298 -32.39 3.16 -12.03
N ILE A 299 -33.65 3.08 -12.48
CA ILE A 299 -34.30 4.28 -13.00
C ILE A 299 -34.57 5.27 -11.87
N LYS A 300 -34.91 4.79 -10.68
CA LYS A 300 -35.11 5.70 -9.56
C LYS A 300 -33.83 6.47 -9.25
N ILE A 301 -32.69 5.78 -9.27
CA ILE A 301 -31.42 6.46 -9.06
C ILE A 301 -31.14 7.43 -10.18
N MET A 302 -31.37 7.01 -11.44
CA MET A 302 -31.10 7.89 -12.56
C MET A 302 -31.93 9.17 -12.47
N ASP A 303 -33.14 9.10 -11.92
CA ASP A 303 -33.91 10.32 -11.72
C ASP A 303 -33.22 11.25 -10.73
N HIS A 304 -32.68 10.70 -9.64
CA HIS A 304 -32.06 11.52 -8.62
C HIS A 304 -30.84 12.26 -9.16
N ILE A 305 -29.96 11.54 -9.87
CA ILE A 305 -28.75 12.17 -10.39
C ILE A 305 -29.10 13.33 -11.31
N ALA A 306 -30.14 13.15 -12.14
CA ALA A 306 -30.59 14.25 -12.98
C ALA A 306 -31.09 15.41 -12.13
N GLN A 307 -31.85 15.10 -11.07
CA GLN A 307 -32.33 16.15 -10.18
C GLN A 307 -31.17 16.91 -9.56
N LYS A 308 -30.19 16.19 -9.00
CA LYS A 308 -29.03 16.85 -8.40
C LYS A 308 -28.23 17.59 -9.46
N ASN A 309 -28.09 17.00 -10.64
CA ASN A 309 -27.42 17.70 -11.74
C ASN A 309 -28.18 18.95 -12.16
N GLY A 310 -29.48 18.98 -11.93
CA GLY A 310 -30.30 20.09 -12.34
C GLY A 310 -30.75 20.04 -13.79
N LYS A 311 -30.33 19.04 -14.55
CA LYS A 311 -30.69 18.91 -15.96
C LYS A 311 -31.88 17.96 -16.08
N LEU A 312 -32.84 18.34 -16.93
CA LEU A 312 -34.06 17.58 -17.04
C LEU A 312 -33.76 16.16 -17.51
N PRO A 313 -34.30 15.12 -16.85
CA PRO A 313 -34.01 13.76 -17.28
C PRO A 313 -34.69 13.46 -18.60
N PRO A 314 -34.13 12.56 -19.41
CA PRO A 314 -34.78 12.20 -20.68
C PRO A 314 -36.04 11.38 -20.43
N ALA A 315 -36.98 11.49 -21.38
CA ALA A 315 -38.25 10.79 -21.28
C ALA A 315 -38.15 9.31 -21.62
N ASP A 316 -37.00 8.86 -22.14
CA ASP A 316 -36.84 7.47 -22.54
C ASP A 316 -36.42 6.55 -21.41
N LEU A 317 -36.25 7.07 -20.19
CA LEU A 317 -35.79 6.23 -19.09
C LEU A 317 -36.76 5.09 -18.80
N LYS A 318 -38.03 5.25 -19.15
CA LYS A 318 -39.01 4.20 -18.86
C LYS A 318 -38.60 2.87 -19.48
N MET A 319 -37.89 2.90 -20.60
CA MET A 319 -37.45 1.70 -21.30
C MET A 319 -35.97 1.43 -21.13
N LEU A 320 -35.39 1.93 -20.03
CA LEU A 320 -33.97 1.69 -19.78
C LEU A 320 -33.71 0.21 -19.57
N SER A 321 -32.65 -0.29 -20.20
CA SER A 321 -32.22 -1.68 -20.07
C SER A 321 -30.89 -1.82 -20.78
N LEU A 322 -30.35 -3.03 -20.78
CA LEU A 322 -29.10 -3.30 -21.48
C LEU A 322 -29.34 -3.26 -22.99
N LYS A 323 -28.23 -3.28 -23.74
CA LYS A 323 -28.31 -3.19 -25.20
C LYS A 323 -29.14 -4.33 -25.77
N GLU A 324 -28.89 -5.55 -25.31
CA GLU A 324 -29.61 -6.73 -25.75
C GLU A 324 -30.31 -7.38 -24.56
N ASP A 325 -31.45 -8.02 -24.83
CA ASP A 325 -32.20 -8.69 -23.77
C ASP A 325 -31.33 -9.77 -23.14
N SER A 326 -30.91 -9.55 -21.90
CA SER A 326 -29.99 -10.45 -21.22
C SER A 326 -30.76 -11.58 -20.53
N THR A 327 -30.02 -12.49 -19.93
CA THR A 327 -30.63 -13.58 -19.19
C THR A 327 -31.17 -13.06 -17.86
N GLU A 328 -32.06 -13.85 -17.26
CA GLU A 328 -32.64 -13.47 -15.97
C GLU A 328 -31.57 -13.33 -14.91
N LYS A 329 -30.62 -14.27 -14.87
CA LYS A 329 -29.55 -14.27 -13.88
C LYS A 329 -28.22 -14.01 -14.56
N LEU A 330 -27.37 -13.23 -13.89
CA LEU A 330 -26.02 -12.93 -14.35
C LEU A 330 -25.04 -13.07 -13.21
N SER A 331 -25.18 -14.15 -12.43
CA SER A 331 -24.38 -14.30 -11.23
C SER A 331 -22.90 -14.38 -11.57
N PRO A 332 -22.02 -13.69 -10.84
CA PRO A 332 -20.59 -13.83 -11.07
C PRO A 332 -20.05 -15.09 -10.43
N SER A 333 -18.97 -15.61 -11.01
CA SER A 333 -18.34 -16.81 -10.48
C SER A 333 -16.90 -16.88 -10.98
N PHE A 334 -16.05 -17.56 -10.20
CA PHE A 334 -14.67 -17.73 -10.62
C PHE A 334 -14.56 -18.50 -11.92
N ALA A 335 -15.49 -19.42 -12.17
CA ALA A 335 -15.43 -20.20 -13.40
C ALA A 335 -15.53 -19.32 -14.63
N ASP A 336 -16.42 -18.33 -14.60
CA ASP A 336 -16.64 -17.46 -15.76
C ASP A 336 -15.40 -16.66 -16.12
N LEU A 337 -14.41 -16.56 -15.23
CA LEU A 337 -13.24 -15.74 -15.48
C LEU A 337 -12.22 -16.42 -16.38
N PHE A 338 -12.36 -17.72 -16.65
CA PHE A 338 -11.38 -18.45 -17.45
C PHE A 338 -12.06 -19.29 -18.53
N ARG A 339 -13.16 -18.79 -19.08
CA ARG A 339 -13.85 -19.46 -20.18
C ARG A 339 -13.48 -18.88 -21.54
N THR A 340 -13.64 -17.58 -21.71
CA THR A 340 -13.35 -16.96 -23.01
C THR A 340 -11.84 -16.88 -23.22
N PRO A 341 -11.32 -17.41 -24.34
CA PRO A 341 -9.86 -17.37 -24.53
C PRO A 341 -9.28 -15.97 -24.46
N GLN A 342 -9.96 -14.97 -25.03
CA GLN A 342 -9.46 -13.60 -24.96
C GLN A 342 -9.42 -13.13 -23.52
N LEU A 343 -10.46 -13.42 -22.75
CA LEU A 343 -10.48 -13.01 -21.35
C LEU A 343 -9.38 -13.71 -20.58
N ARG A 344 -9.14 -14.98 -20.86
CA ARG A 344 -8.05 -15.71 -20.20
C ARG A 344 -6.70 -15.08 -20.50
N LYS A 345 -6.47 -14.74 -21.77
CA LYS A 345 -5.21 -14.11 -22.15
C LYS A 345 -5.04 -12.77 -21.44
N HIS A 346 -6.09 -11.96 -21.42
CA HIS A 346 -6.02 -10.68 -20.73
C HIS A 346 -5.74 -10.87 -19.25
N THR A 347 -6.39 -11.85 -18.62
CA THR A 347 -6.17 -12.08 -17.20
C THR A 347 -4.74 -12.49 -16.92
N PHE A 348 -4.19 -13.40 -17.73
CA PHE A 348 -2.80 -13.82 -17.54
C PHE A 348 -1.86 -12.63 -17.69
N ILE A 349 -2.06 -11.83 -18.74
CA ILE A 349 -1.18 -10.69 -18.97
C ILE A 349 -1.26 -9.72 -17.79
N LEU A 350 -2.47 -9.43 -17.32
CA LEU A 350 -2.62 -8.48 -16.22
C LEU A 350 -2.00 -9.02 -14.94
N MET A 351 -2.17 -10.31 -14.66
CA MET A 351 -1.55 -10.89 -13.48
C MET A 351 -0.04 -10.75 -13.55
N TYR A 352 0.55 -11.06 -14.71
CA TYR A 352 1.99 -10.93 -14.85
C TYR A 352 2.43 -9.49 -14.68
N LEU A 353 1.67 -8.55 -15.23
CA LEU A 353 2.03 -7.14 -15.08
C LEU A 353 2.01 -6.71 -13.62
N TRP A 354 0.98 -7.12 -12.88
CA TRP A 354 0.92 -6.79 -11.47
C TRP A 354 2.12 -7.37 -10.73
N PHE A 355 2.44 -8.63 -10.99
CA PHE A 355 3.54 -9.27 -10.30
C PHE A 355 4.86 -8.57 -10.61
N THR A 356 5.09 -8.26 -11.89
CA THR A 356 6.32 -7.59 -12.26
C THR A 356 6.41 -6.22 -11.61
N SER A 357 5.30 -5.48 -11.60
CA SER A 357 5.31 -4.16 -10.99
C SER A 357 5.68 -4.24 -9.52
N SER A 358 5.05 -5.16 -8.78
CA SER A 358 5.31 -5.26 -7.35
C SER A 358 6.77 -5.66 -7.10
N VAL A 359 7.25 -6.68 -7.82
CA VAL A 359 8.61 -7.16 -7.59
C VAL A 359 9.62 -6.08 -7.93
N LEU A 360 9.42 -5.39 -9.06
CA LEU A 360 10.37 -4.36 -9.46
C LEU A 360 10.35 -3.20 -8.47
N TYR A 361 9.17 -2.83 -7.96
CA TYR A 361 9.10 -1.77 -6.96
C TYR A 361 9.87 -2.13 -5.72
N GLN A 362 9.63 -3.34 -5.19
CA GLN A 362 10.34 -3.76 -3.99
C GLN A 362 11.85 -3.82 -4.23
N GLY A 363 12.27 -4.36 -5.37
CA GLY A 363 13.68 -4.38 -5.70
C GLY A 363 14.28 -2.98 -5.74
N LEU A 364 13.59 -2.04 -6.38
CA LEU A 364 14.10 -0.69 -6.50
C LEU A 364 14.23 -0.04 -5.12
N ILE A 365 13.22 -0.22 -4.27
CA ILE A 365 13.32 0.37 -2.93
C ILE A 365 14.43 -0.30 -2.14
N MET A 366 14.69 -1.59 -2.39
CA MET A 366 15.74 -2.28 -1.67
C MET A 366 17.12 -1.77 -2.09
N HIS A 367 17.33 -1.56 -3.39
CA HIS A 367 18.62 -1.14 -3.90
C HIS A 367 18.86 0.37 -3.72
N MET A 368 18.05 1.05 -2.92
CA MET A 368 18.23 2.47 -2.68
C MET A 368 19.52 2.71 -1.91
N GLY A 369 19.85 3.98 -1.71
CA GLY A 369 21.01 4.36 -0.94
C GLY A 369 20.75 4.33 0.55
N ALA A 370 21.76 4.77 1.31
CA ALA A 370 21.64 4.78 2.76
C ALA A 370 20.49 5.67 3.20
N THR A 371 19.71 5.19 4.17
CA THR A 371 18.57 5.94 4.65
C THR A 371 19.03 7.22 5.35
N GLY A 372 18.20 8.26 5.25
CA GLY A 372 18.51 9.53 5.86
C GLY A 372 18.32 9.50 7.37
N GLY A 373 18.81 10.56 8.02
CA GLY A 373 18.74 10.63 9.47
C GLY A 373 17.32 10.59 9.99
N ASN A 374 16.44 11.39 9.39
CA ASN A 374 15.04 11.45 9.79
C ASN A 374 14.22 10.54 8.89
N LEU A 375 13.58 9.53 9.48
CA LEU A 375 12.72 8.64 8.71
C LEU A 375 11.52 9.40 8.14
N TYR A 376 10.94 10.30 8.95
CA TYR A 376 9.75 11.01 8.51
C TYR A 376 10.02 11.84 7.26
N LEU A 377 11.15 12.55 7.23
CA LEU A 377 11.48 13.35 6.05
C LEU A 377 11.67 12.47 4.82
N ASP A 378 12.33 11.32 4.99
CA ASP A 378 12.52 10.41 3.87
C ASP A 378 11.17 9.91 3.33
N PHE A 379 10.26 9.55 4.24
CA PHE A 379 8.94 9.11 3.80
C PHE A 379 8.18 10.22 3.09
N PHE A 380 8.30 11.45 3.62
CA PHE A 380 7.62 12.59 2.99
C PHE A 380 8.12 12.81 1.57
N TYR A 381 9.44 12.75 1.37
CA TYR A 381 9.98 12.89 0.03
C TYR A 381 9.55 11.74 -0.87
N SER A 382 9.52 10.52 -0.32
CA SER A 382 9.07 9.37 -1.08
C SER A 382 7.67 9.60 -1.63
N ALA A 383 6.76 10.08 -0.77
CA ALA A 383 5.41 10.39 -1.24
C ALA A 383 5.42 11.55 -2.23
N LEU A 384 6.23 12.57 -1.97
CA LEU A 384 6.22 13.77 -2.79
C LEU A 384 6.65 13.48 -4.22
N VAL A 385 7.51 12.47 -4.43
CA VAL A 385 8.00 12.20 -5.77
C VAL A 385 6.87 11.91 -6.74
N GLU A 386 5.75 11.39 -6.24
CA GLU A 386 4.72 10.85 -7.11
C GLU A 386 3.90 11.93 -7.82
N PHE A 387 3.61 13.05 -7.18
CA PHE A 387 2.67 14.01 -7.76
C PHE A 387 3.04 14.39 -9.19
N PRO A 388 4.29 14.71 -9.51
CA PRO A 388 4.61 14.92 -10.93
C PRO A 388 4.28 13.71 -11.77
N ALA A 389 4.44 12.50 -11.24
CA ALA A 389 4.03 11.32 -11.99
C ALA A 389 2.55 11.35 -12.32
N ALA A 390 1.71 11.72 -11.34
CA ALA A 390 0.28 11.83 -11.59
C ALA A 390 0.00 12.90 -12.64
N PHE A 391 0.71 14.02 -12.56
CA PHE A 391 0.52 15.07 -13.57
C PHE A 391 0.84 14.54 -14.96
N ILE A 392 1.95 13.82 -15.09
CA ILE A 392 2.34 13.29 -16.38
C ILE A 392 1.30 12.30 -16.89
N ILE A 393 0.81 11.42 -16.02
CA ILE A 393 -0.14 10.40 -16.44
C ILE A 393 -1.40 11.04 -16.99
N LEU A 394 -1.90 12.08 -16.33
CA LEU A 394 -3.18 12.66 -16.73
C LEU A 394 -3.12 13.25 -18.13
N VAL A 395 -2.00 13.88 -18.48
CA VAL A 395 -1.90 14.56 -19.76
C VAL A 395 -1.84 13.56 -20.92
N THR A 396 -1.09 12.47 -20.74
CA THR A 396 -0.81 11.58 -21.86
C THR A 396 -1.95 10.60 -22.14
N ILE A 397 -2.68 10.17 -21.11
CA ILE A 397 -3.68 9.13 -21.32
C ILE A 397 -4.67 9.54 -22.40
N ASP A 398 -5.14 10.79 -22.36
CA ASP A 398 -6.23 11.19 -23.24
C ASP A 398 -5.83 11.06 -24.70
N ARG A 399 -4.63 11.49 -25.06
CA ARG A 399 -4.21 11.56 -26.46
C ARG A 399 -3.43 10.34 -26.90
N VAL A 400 -2.35 9.99 -26.19
CA VAL A 400 -1.51 8.88 -26.62
C VAL A 400 -2.29 7.58 -26.58
N GLY A 401 -3.03 7.34 -25.50
CA GLY A 401 -3.75 6.11 -25.29
C GLY A 401 -3.50 5.60 -23.89
N ARG A 402 -3.72 4.29 -23.70
CA ARG A 402 -3.53 3.66 -22.41
C ARG A 402 -2.63 2.42 -22.48
N ILE A 403 -1.93 2.22 -23.58
CA ILE A 403 -1.02 1.08 -23.75
C ILE A 403 0.43 1.54 -23.88
N TYR A 404 0.70 2.39 -24.87
CA TYR A 404 2.07 2.85 -25.07
C TYR A 404 2.65 3.51 -23.82
N PRO A 405 1.92 4.39 -23.12
CA PRO A 405 2.50 4.95 -21.88
C PRO A 405 2.89 3.89 -20.88
N LEU A 406 2.04 2.87 -20.68
CA LEU A 406 2.36 1.83 -19.72
C LEU A 406 3.59 1.04 -20.14
N ALA A 407 3.66 0.67 -21.42
CA ALA A 407 4.80 -0.09 -21.90
C ALA A 407 6.09 0.71 -21.74
N VAL A 408 6.05 1.99 -22.12
CA VAL A 408 7.25 2.81 -22.04
C VAL A 408 7.66 3.03 -20.59
N SER A 409 6.69 3.20 -19.69
CA SER A 409 7.02 3.37 -18.28
C SER A 409 7.67 2.11 -17.72
N ASN A 410 7.14 0.94 -18.06
CA ASN A 410 7.75 -0.30 -17.59
C ASN A 410 9.17 -0.43 -18.10
N LEU A 411 9.37 -0.15 -19.39
CA LEU A 411 10.72 -0.23 -19.95
C LEU A 411 11.64 0.80 -19.32
N VAL A 412 11.13 1.98 -18.98
CA VAL A 412 11.93 3.00 -18.33
C VAL A 412 12.37 2.54 -16.95
N ALA A 413 11.48 1.90 -16.20
CA ALA A 413 11.87 1.37 -14.90
C ALA A 413 12.96 0.31 -15.07
N GLY A 414 12.78 -0.58 -16.05
CA GLY A 414 13.81 -1.59 -16.29
C GLY A 414 15.16 -0.96 -16.61
N ALA A 415 15.15 0.06 -17.48
CA ALA A 415 16.39 0.72 -17.85
C ALA A 415 17.00 1.48 -16.68
N ALA A 416 16.16 2.04 -15.80
CA ALA A 416 16.69 2.70 -14.61
C ALA A 416 17.44 1.70 -13.74
N CYS A 417 16.85 0.51 -13.53
CA CYS A 417 17.55 -0.52 -12.79
C CYS A 417 18.85 -0.91 -13.50
N LEU A 418 18.81 -1.01 -14.83
CA LEU A 418 20.00 -1.40 -15.59
C LEU A 418 21.12 -0.40 -15.40
N ILE A 419 20.80 0.89 -15.49
CA ILE A 419 21.84 1.90 -15.34
C ILE A 419 22.34 1.93 -13.90
N MET A 420 21.44 1.76 -12.93
CA MET A 420 21.90 1.65 -11.54
C MET A 420 22.93 0.53 -11.41
N ILE A 421 22.70 -0.59 -12.11
CA ILE A 421 23.61 -1.72 -12.01
C ILE A 421 24.93 -1.39 -12.69
N PHE A 422 24.88 -1.14 -14.00
CA PHE A 422 26.12 -1.06 -14.78
C PHE A 422 26.94 0.17 -14.42
N ILE A 423 26.38 1.36 -14.66
CA ILE A 423 27.12 2.58 -14.39
C ILE A 423 27.47 2.64 -12.90
N SER A 424 28.53 3.37 -12.59
CA SER A 424 29.00 3.51 -11.22
C SER A 424 27.85 3.79 -10.28
N GLN A 425 27.63 2.89 -9.32
CA GLN A 425 26.60 3.04 -8.31
C GLN A 425 27.13 3.68 -7.03
N ASP A 426 28.38 4.10 -7.00
CA ASP A 426 28.95 4.73 -5.83
C ASP A 426 28.20 6.04 -5.53
N LEU A 427 28.29 6.47 -4.27
CA LEU A 427 27.57 7.64 -3.82
C LEU A 427 27.86 8.84 -4.71
N HIS A 428 26.84 9.31 -5.42
CA HIS A 428 26.96 10.48 -6.28
C HIS A 428 25.60 11.16 -6.39
N TRP A 429 25.63 12.45 -6.72
CA TRP A 429 24.38 13.19 -6.86
C TRP A 429 23.52 12.62 -7.98
N LEU A 430 24.14 11.95 -8.95
CA LEU A 430 23.37 11.37 -10.05
C LEU A 430 22.53 10.19 -9.59
N ASN A 431 23.02 9.42 -8.62
CA ASN A 431 22.33 8.20 -8.23
C ASN A 431 20.96 8.50 -7.66
N ILE A 432 20.84 9.55 -6.84
CA ILE A 432 19.56 9.87 -6.23
C ILE A 432 18.55 10.28 -7.29
N THR A 433 18.97 11.09 -8.26
CA THR A 433 18.07 11.50 -9.33
C THR A 433 17.65 10.31 -10.18
N VAL A 434 18.58 9.40 -10.46
CA VAL A 434 18.23 8.21 -11.23
C VAL A 434 17.21 7.37 -10.45
N ALA A 435 17.41 7.24 -9.14
CA ALA A 435 16.45 6.52 -8.32
C ALA A 435 15.08 7.17 -8.38
N CYS A 436 15.04 8.51 -8.31
CA CYS A 436 13.76 9.20 -8.40
C CYS A 436 13.09 8.96 -9.74
N VAL A 437 13.87 8.94 -10.82
CA VAL A 437 13.31 8.67 -12.14
C VAL A 437 12.69 7.27 -12.17
N GLY A 438 13.42 6.29 -11.63
CA GLY A 438 12.88 4.94 -11.58
C GLY A 438 11.60 4.86 -10.77
N ARG A 439 11.58 5.58 -9.63
CA ARG A 439 10.37 5.59 -8.80
C ARG A 439 9.20 6.19 -9.56
N MET A 440 9.45 7.27 -10.31
CA MET A 440 8.39 7.87 -11.10
C MET A 440 7.86 6.88 -12.13
N GLY A 441 8.77 6.17 -12.80
CA GLY A 441 8.33 5.16 -13.75
C GLY A 441 7.49 4.08 -13.11
N ILE A 442 7.90 3.62 -11.93
CA ILE A 442 7.16 2.56 -11.24
C ILE A 442 5.78 3.05 -10.85
N THR A 443 5.68 4.30 -10.37
CA THR A 443 4.38 4.85 -10.00
C THR A 443 3.47 4.93 -11.22
N ILE A 444 4.01 5.39 -12.35
CA ILE A 444 3.23 5.44 -13.57
C ILE A 444 2.75 4.04 -13.94
N VAL A 445 3.62 3.05 -13.84
CA VAL A 445 3.23 1.68 -14.16
C VAL A 445 2.08 1.23 -13.27
N PHE A 446 2.18 1.48 -11.97
CA PHE A 446 1.14 1.06 -11.05
C PHE A 446 -0.20 1.68 -11.41
N GLN A 447 -0.22 3.01 -11.55
CA GLN A 447 -1.48 3.69 -11.85
C GLN A 447 -2.07 3.21 -13.17
N MET A 448 -1.24 3.11 -14.22
CA MET A 448 -1.76 2.70 -15.52
C MET A 448 -2.30 1.27 -15.46
N VAL A 449 -1.58 0.37 -14.79
CA VAL A 449 -2.04 -1.01 -14.70
C VAL A 449 -3.38 -1.08 -14.00
N CYS A 450 -3.52 -0.36 -12.89
CA CYS A 450 -4.78 -0.39 -12.17
C CYS A 450 -5.92 0.12 -13.04
N LEU A 451 -5.69 1.24 -13.72
CA LEU A 451 -6.77 1.83 -14.53
C LEU A 451 -7.16 0.88 -15.68
N VAL A 452 -6.18 0.35 -16.39
CA VAL A 452 -6.50 -0.49 -17.55
C VAL A 452 -7.18 -1.77 -17.10
N ASN A 453 -6.69 -2.38 -16.01
CA ASN A 453 -7.32 -3.60 -15.52
C ASN A 453 -8.75 -3.35 -15.11
N ALA A 454 -9.01 -2.24 -14.42
CA ALA A 454 -10.39 -1.92 -14.06
C ALA A 454 -11.25 -1.74 -15.29
N GLU A 455 -10.72 -1.05 -16.31
CA GLU A 455 -11.52 -0.74 -17.49
C GLU A 455 -11.69 -1.92 -18.43
N LEU A 456 -10.90 -2.98 -18.29
CA LEU A 456 -10.91 -4.05 -19.28
C LEU A 456 -11.96 -5.11 -19.02
N TYR A 457 -12.24 -5.44 -17.76
CA TYR A 457 -13.16 -6.52 -17.44
C TYR A 457 -14.61 -6.08 -17.57
N PRO A 458 -15.53 -7.04 -17.72
CA PRO A 458 -16.96 -6.70 -17.74
C PRO A 458 -17.40 -6.08 -16.42
N THR A 459 -18.60 -5.50 -16.45
CA THR A 459 -19.09 -4.77 -15.28
C THR A 459 -19.49 -5.72 -14.15
N PHE A 460 -20.12 -6.84 -14.48
CA PHE A 460 -20.64 -7.74 -13.46
C PHE A 460 -19.57 -8.61 -12.82
N ILE A 461 -18.33 -8.53 -13.30
CA ILE A 461 -17.22 -9.26 -12.70
C ILE A 461 -16.00 -8.38 -12.46
N ARG A 462 -16.12 -7.07 -12.69
CA ARG A 462 -14.94 -6.21 -12.69
C ARG A 462 -14.17 -6.30 -11.38
N ASN A 463 -14.88 -6.20 -10.25
CA ASN A 463 -14.19 -6.20 -8.96
C ASN A 463 -13.42 -7.49 -8.74
N LEU A 464 -14.04 -8.63 -9.06
CA LEU A 464 -13.37 -9.91 -8.85
C LEU A 464 -12.10 -10.01 -9.68
N GLY A 465 -12.16 -9.57 -10.94
CA GLY A 465 -10.99 -9.67 -11.80
C GLY A 465 -9.83 -8.84 -11.30
N VAL A 466 -10.10 -7.59 -10.92
CA VAL A 466 -9.03 -6.74 -10.41
C VAL A 466 -8.48 -7.31 -9.11
N MET A 467 -9.35 -7.88 -8.27
CA MET A 467 -8.87 -8.51 -7.04
C MET A 467 -7.90 -9.64 -7.34
N VAL A 468 -8.30 -10.55 -8.23
CA VAL A 468 -7.45 -11.70 -8.52
C VAL A 468 -6.14 -11.25 -9.14
N CYS A 469 -6.20 -10.29 -10.06
CA CYS A 469 -4.98 -9.82 -10.71
C CYS A 469 -4.11 -9.01 -9.76
N SER A 470 -4.67 -8.48 -8.67
CA SER A 470 -3.89 -7.76 -7.68
C SER A 470 -3.27 -8.68 -6.65
N SER A 471 -3.87 -9.85 -6.41
CA SER A 471 -3.30 -10.76 -5.43
C SER A 471 -1.85 -11.09 -5.76
N LEU A 472 -1.50 -11.15 -7.05
CA LEU A 472 -0.12 -11.44 -7.41
C LEU A 472 0.82 -10.33 -6.95
N CYS A 473 0.33 -9.10 -6.86
CA CYS A 473 1.19 -8.02 -6.34
C CYS A 473 1.61 -8.32 -4.91
N ASP A 474 0.66 -8.70 -4.05
CA ASP A 474 1.01 -9.07 -2.69
C ASP A 474 1.91 -10.30 -2.65
N LEU A 475 1.63 -11.28 -3.51
CA LEU A 475 2.47 -12.49 -3.54
C LEU A 475 3.91 -12.12 -3.87
N GLY A 476 4.11 -11.29 -4.89
CA GLY A 476 5.46 -10.89 -5.25
C GLY A 476 6.12 -10.06 -4.17
N GLY A 477 5.37 -9.16 -3.54
CA GLY A 477 5.93 -8.40 -2.44
C GLY A 477 6.40 -9.30 -1.31
N ILE A 478 5.65 -10.38 -1.05
CA ILE A 478 6.05 -11.31 -0.02
C ILE A 478 7.30 -12.07 -0.42
N ILE A 479 7.37 -12.52 -1.67
CA ILE A 479 8.40 -13.49 -2.04
C ILE A 479 9.72 -12.81 -2.40
N THR A 480 9.70 -11.58 -2.90
CA THR A 480 10.91 -11.01 -3.47
C THR A 480 12.08 -10.93 -2.51
N PRO A 481 11.93 -10.57 -1.22
CA PRO A 481 13.13 -10.40 -0.39
C PRO A 481 13.97 -11.66 -0.31
N PHE A 482 13.33 -12.82 -0.14
CA PHE A 482 14.08 -14.07 -0.08
C PHE A 482 14.78 -14.34 -1.41
N LEU A 483 14.11 -14.05 -2.53
CA LEU A 483 14.72 -14.26 -3.83
C LEU A 483 15.97 -13.41 -3.98
N VAL A 484 15.91 -12.14 -3.59
CA VAL A 484 17.06 -11.27 -3.76
C VAL A 484 18.19 -11.68 -2.83
N PHE A 485 17.86 -12.09 -1.60
CA PHE A 485 18.90 -12.56 -0.69
C PHE A 485 19.58 -13.82 -1.24
N ARG A 486 18.80 -14.75 -1.76
CA ARG A 486 19.37 -15.99 -2.28
C ARG A 486 20.24 -15.72 -3.51
N LEU A 487 19.74 -14.92 -4.45
CA LEU A 487 20.47 -14.70 -5.70
C LEU A 487 21.79 -13.98 -5.45
N MET A 488 21.85 -13.11 -4.44
CA MET A 488 23.11 -12.43 -4.14
C MET A 488 24.24 -13.41 -3.90
N GLU A 489 23.93 -14.58 -3.34
CA GLU A 489 24.97 -15.57 -3.07
C GLU A 489 25.61 -16.06 -4.37
N VAL A 490 24.81 -16.27 -5.41
CA VAL A 490 25.34 -16.83 -6.65
C VAL A 490 26.35 -15.88 -7.27
N TRP A 491 26.01 -14.60 -7.36
CA TRP A 491 26.88 -13.62 -8.00
C TRP A 491 26.59 -12.25 -7.41
N GLN A 492 27.53 -11.32 -7.63
CA GLN A 492 27.45 -10.01 -7.02
C GLN A 492 26.26 -9.22 -7.53
N GLY A 493 26.10 -9.14 -8.86
CA GLY A 493 25.10 -8.27 -9.45
C GLY A 493 23.96 -9.02 -10.11
N LEU A 494 23.78 -10.29 -9.78
CA LEU A 494 22.72 -11.07 -10.41
C LEU A 494 21.35 -10.42 -10.27
N PRO A 495 20.94 -9.94 -9.09
CA PRO A 495 19.54 -9.49 -8.94
C PRO A 495 19.15 -8.40 -9.93
N LEU A 496 20.05 -7.47 -10.21
CA LEU A 496 19.69 -6.36 -11.10
C LEU A 496 19.51 -6.84 -12.53
N ILE A 497 20.28 -7.84 -12.96
CA ILE A 497 20.05 -8.42 -14.28
C ILE A 497 18.65 -9.01 -14.35
N LEU A 498 18.23 -9.72 -13.29
CA LEU A 498 16.89 -10.27 -13.27
C LEU A 498 15.84 -9.16 -13.32
N PHE A 499 16.07 -8.08 -12.57
CA PHE A 499 15.12 -6.97 -12.60
C PHE A 499 15.01 -6.39 -14.00
N THR A 500 16.14 -6.17 -14.67
CA THR A 500 16.11 -5.59 -16.00
C THR A 500 15.39 -6.50 -16.99
N VAL A 501 15.69 -7.80 -16.95
CA VAL A 501 15.05 -8.71 -17.90
C VAL A 501 13.55 -8.80 -17.62
N VAL A 502 13.17 -8.83 -16.35
CA VAL A 502 11.74 -8.87 -16.01
C VAL A 502 11.04 -7.63 -16.52
N GLY A 503 11.65 -6.46 -16.32
CA GLY A 503 11.06 -5.23 -16.82
C GLY A 503 10.91 -5.23 -18.33
N LEU A 504 11.95 -5.68 -19.04
CA LEU A 504 11.88 -5.70 -20.49
C LEU A 504 10.79 -6.64 -20.98
N VAL A 505 10.69 -7.82 -20.37
CA VAL A 505 9.67 -8.78 -20.78
C VAL A 505 8.27 -8.22 -20.50
N ALA A 506 8.10 -7.57 -19.35
CA ALA A 506 6.81 -6.99 -19.03
C ALA A 506 6.44 -5.89 -20.01
N GLY A 507 7.40 -5.01 -20.34
CA GLY A 507 7.13 -3.96 -21.29
C GLY A 507 6.77 -4.50 -22.66
N GLY A 508 7.45 -5.58 -23.09
CA GLY A 508 7.10 -6.21 -24.34
C GLY A 508 5.71 -6.82 -24.32
N MET A 509 5.37 -7.50 -23.22
CA MET A 509 4.08 -8.16 -23.14
C MET A 509 2.94 -7.16 -23.06
N THR A 510 3.17 -5.97 -22.51
CA THR A 510 2.09 -5.00 -22.39
C THR A 510 1.48 -4.69 -23.74
N LEU A 511 2.24 -4.87 -24.82
CA LEU A 511 1.74 -4.48 -26.13
C LEU A 511 0.55 -5.31 -26.57
N LEU A 512 0.51 -6.60 -26.20
CA LEU A 512 -0.60 -7.44 -26.63
C LEU A 512 -1.94 -6.93 -26.10
N LEU A 513 -1.94 -6.31 -24.93
CA LEU A 513 -3.20 -5.91 -24.31
C LEU A 513 -3.93 -4.91 -25.22
N PRO A 514 -5.24 -5.07 -25.43
CA PRO A 514 -5.95 -4.13 -26.31
C PRO A 514 -5.99 -2.73 -25.73
N GLU A 515 -6.06 -1.75 -26.62
CA GLU A 515 -6.19 -0.36 -26.20
C GLU A 515 -7.62 -0.09 -25.74
N THR A 516 -7.76 0.94 -24.89
CA THR A 516 -9.06 1.30 -24.32
C THR A 516 -9.25 2.81 -24.33
N LYS A 517 -8.81 3.47 -25.39
CA LYS A 517 -8.94 4.92 -25.50
C LYS A 517 -10.36 5.26 -25.93
N GLY A 518 -11.12 5.90 -25.06
CA GLY A 518 -12.43 6.42 -25.40
C GLY A 518 -13.40 5.37 -25.90
N VAL A 519 -13.48 4.24 -25.21
CA VAL A 519 -14.42 3.18 -25.55
C VAL A 519 -15.25 2.87 -24.31
N ALA A 520 -16.56 2.80 -24.47
CA ALA A 520 -17.44 2.49 -23.34
C ALA A 520 -17.08 1.14 -22.76
N LEU A 521 -16.92 1.10 -21.44
CA LEU A 521 -16.49 -0.13 -20.79
C LEU A 521 -17.54 -1.22 -20.99
N PRO A 522 -17.14 -2.48 -21.14
CA PRO A 522 -18.10 -3.53 -21.48
C PRO A 522 -19.00 -3.88 -20.31
N GLU A 523 -20.14 -4.50 -20.64
CA GLU A 523 -21.09 -4.96 -19.64
C GLU A 523 -21.49 -6.41 -19.84
N THR A 524 -20.98 -7.10 -20.86
CA THR A 524 -21.27 -8.50 -21.08
C THR A 524 -19.98 -9.22 -21.47
N ILE A 525 -19.82 -10.45 -20.98
CA ILE A 525 -18.58 -11.18 -21.23
C ILE A 525 -18.39 -11.39 -22.73
N GLU A 526 -19.46 -11.77 -23.44
CA GLU A 526 -19.35 -11.93 -24.88
C GLU A 526 -18.93 -10.64 -25.55
N ASP A 527 -19.47 -9.51 -25.07
CA ASP A 527 -19.08 -8.21 -25.62
C ASP A 527 -17.60 -7.93 -25.37
N ALA A 528 -17.12 -8.26 -24.17
CA ALA A 528 -15.70 -8.04 -23.88
C ALA A 528 -14.80 -8.96 -24.71
N GLU A 529 -15.31 -10.10 -25.17
CA GLU A 529 -14.48 -11.02 -25.95
C GLU A 529 -14.00 -10.37 -27.23
N ASN A 530 -14.89 -9.69 -27.95
CA ASN A 530 -14.57 -9.05 -29.22
C ASN A 530 -14.21 -7.58 -29.06
N LEU A 531 -13.64 -7.19 -27.92
CA LEU A 531 -13.29 -5.80 -27.70
C LEU A 531 -12.25 -5.34 -28.72
N GLY A 532 -11.23 -6.16 -28.98
CA GLY A 532 -10.22 -5.77 -29.95
C GLY A 532 -10.75 -5.67 -31.36
N ARG A 533 -11.58 -6.64 -31.76
CA ARG A 533 -12.12 -6.66 -33.11
C ARG A 533 -13.02 -5.46 -33.37
C1 NAG B . 35.30 6.57 24.35
C2 NAG B . 36.10 7.87 24.23
C3 NAG B . 37.59 7.60 24.34
C4 NAG B . 37.89 6.84 25.62
C5 NAG B . 37.09 5.56 25.64
C6 NAG B . 37.27 4.75 26.91
C7 NAG B . 34.78 9.41 22.84
C8 NAG B . 34.59 9.99 21.48
N2 NAG B . 35.79 8.54 22.98
O3 NAG B . 38.30 8.84 24.32
O4 NAG B . 39.28 6.57 25.74
O5 NAG B . 35.69 5.87 25.56
O6 NAG B . 38.30 3.79 26.77
O7 NAG B . 34.07 9.72 23.79
H2 NAG B . 35.84 8.45 24.96
H3 NAG B . 37.88 7.06 23.58
H4 NAG B . 37.61 7.40 26.39
H5 NAG B . 37.34 5.01 24.87
H61 NAG B . 36.43 4.30 27.12
H62 NAG B . 37.50 5.36 27.64
H81 NAG B . 33.90 10.68 21.51
H82 NAG B . 34.31 9.28 20.86
H83 NAG B . 35.43 10.38 21.16
HN2 NAG B . 36.29 8.33 22.24
HO3 NAG B . 39.15 8.70 24.55
HO6 NAG B . 38.06 3.17 26.16
C1 NAG B . 39.77 7.47 26.77
C2 NAG B . 41.10 6.93 27.29
C3 NAG B . 41.69 7.89 28.33
C4 NAG B . 41.77 9.30 27.76
C5 NAG B . 40.41 9.73 27.21
C6 NAG B . 40.45 11.08 26.53
C7 NAG B . 41.89 4.68 27.85
C8 NAG B . 41.54 3.36 28.48
N2 NAG B . 40.94 5.60 27.86
O3 NAG B . 42.98 7.43 28.70
O4 NAG B . 42.17 10.21 28.78
O5 NAG B . 39.96 8.79 26.24
O6 NAG B . 39.18 11.43 26.00
O7 NAG B . 42.99 4.88 27.35
H2 NAG B . 41.72 6.88 26.54
H3 NAG B . 41.11 7.89 29.11
H4 NAG B . 42.43 9.32 27.04
H5 NAG B . 39.77 9.77 27.95
H61 NAG B . 41.11 11.05 25.81
H62 NAG B . 40.72 11.76 27.19
H81 NAG B . 42.31 2.76 28.44
H82 NAG B . 40.79 2.96 28.01
H83 NAG B . 41.30 3.51 29.42
HN2 NAG B . 40.13 5.39 28.25
HO3 NAG B . 43.30 6.89 28.08
HO4 NAG B . 42.87 10.68 28.50
HO6 NAG B . 38.85 10.73 25.56
C1 2PM C . -3.23 -0.41 -3.46
C2 2PM C . -3.21 -1.55 -4.26
C3 2PM C . -2.10 -1.76 -5.07
C4 2PM C . -1.04 -0.87 -5.08
C5 2PM C . -1.06 0.27 -4.28
C6 2PM C . -2.17 0.48 -3.47
C7 2PM C . 0.09 1.25 -4.29
C8 2PM C . 1.20 0.76 -3.40
C9 2PM C . 2.04 -0.29 -3.78
C10 2PM C . 3.06 -0.73 -2.95
C11 2PM C . 3.28 -0.13 -1.72
C12 2PM C . 2.46 0.92 -1.34
C13 2PM C . 1.44 1.37 -2.17
O1 2PM C . 0.60 1.38 -5.61
C14 2PM C . 0.73 2.72 -6.12
C15 2PM C . 1.91 3.39 -5.31
N1 2PM C . 1.96 4.88 -5.49
C16 2PM C . 2.95 5.45 -4.52
C17 2PM C . 0.64 5.52 -5.20
H1 2PM C . -3.97 -0.26 -2.91
H2 2PM C . -3.92 -2.15 -4.24
H3 2PM C . -2.09 -2.53 -5.61
H4 2PM C . -0.33 -1.05 -5.64
H6 2PM C . -2.21 1.23 -2.93
H7 2PM C . -0.24 2.10 -3.95
H9 2PM C . 1.90 -0.72 -4.60
H10 2PM C . 3.61 -1.44 -3.22
H11 2PM C . 3.97 -0.42 -1.17
H12 2PM C . 2.60 1.34 -0.51
H13 2PM C . 0.91 2.08 -1.88
H141 2PM C . -0.09 3.22 -6.02
H142 2PM C . 0.94 2.68 -7.07
H151 2PM C . 2.75 3.00 -5.59
H152 2PM C . 1.84 3.14 -4.38
H161 2PM C . 2.85 5.14 -3.59
H162 2PM C . 3.85 5.21 -4.79
H163 2PM C . 2.94 6.41 -4.47
H171 2PM C . 0.74 6.40 -4.85
H172 2PM C . 0.08 5.05 -4.56
H173 2PM C . 0.12 5.61 -6.02
#